data_2VP5
#
_entry.id   2VP5
#
_cell.length_a   120.616
_cell.length_b   62.550
_cell.length_c   68.205
_cell.angle_alpha   90.00
_cell.angle_beta   90.00
_cell.angle_gamma   90.00
#
_symmetry.space_group_name_H-M   'P 21 21 2'
#
loop_
_entity.id
_entity.type
_entity.pdbx_description
1 polymer 'DEOXYNUCLEOSIDE KINASE'
2 non-polymer 'SULFATE ION'
3 non-polymer "2'-DEOXYCYTIDINE"
4 water water
#
_entity_poly.entity_id   1
_entity_poly.type   'polypeptide(L)'
_entity_poly.pdbx_seq_one_letter_code
;MAEAASCARKGTKYAEGTQPFTVLIEGNIGSGKTTYLNHFEKYKNDICLLTEPVEKWRNVNGVNLLELMYKDPKKWAMPF
QSYVTLTMLQSHTAPTNKKLKIMERSIFSARYCFVENMRRNGSLEQGMYNTLEEWYKFIEESIHVQADLIIYLRTSPEVA
YERIRQRARSEESCVPLKYLQELHELHEDWLIHQRRPQSCKVLVLDADLNLENIGTEYQRSESSIFDAIS
;
_entity_poly.pdbx_strand_id   A,B
#
loop_
_chem_comp.id
_chem_comp.type
_chem_comp.name
_chem_comp.formula
DCZ DNA OH 5 prime terminus 2'-DEOXYCYTIDINE 'C9 H13 N3 O4'
SO4 non-polymer 'SULFATE ION' 'O4 S -2'
#
# COMPACT_ATOMS: atom_id res chain seq x y z
N THR A 18 -3.78 -15.76 16.00
CA THR A 18 -4.32 -17.16 16.05
C THR A 18 -4.35 -17.80 14.66
N GLN A 19 -3.18 -18.25 14.21
CA GLN A 19 -3.05 -18.91 12.91
C GLN A 19 -2.46 -20.32 13.08
N PRO A 20 -2.98 -21.31 12.31
CA PRO A 20 -2.47 -22.68 12.37
C PRO A 20 -1.07 -22.81 11.77
N PHE A 21 -0.48 -24.00 11.87
CA PHE A 21 0.79 -24.30 11.21
C PHE A 21 0.67 -23.92 9.73
N THR A 22 1.65 -23.16 9.23
CA THR A 22 1.56 -22.59 7.88
C THR A 22 2.73 -22.96 7.00
N VAL A 23 2.38 -23.55 5.86
CA VAL A 23 3.31 -23.91 4.83
C VAL A 23 3.11 -22.99 3.63
N LEU A 24 4.22 -22.45 3.11
CA LEU A 24 4.20 -21.57 1.95
C LEU A 24 4.85 -22.29 0.78
N ILE A 25 4.16 -22.31 -0.35
CA ILE A 25 4.69 -22.90 -1.57
C ILE A 25 5.30 -21.82 -2.46
N GLU A 26 6.63 -21.89 -2.61
CA GLU A 26 7.39 -20.89 -3.36
C GLU A 26 8.09 -21.51 -4.58
N GLY A 27 8.36 -20.65 -5.57
CA GLY A 27 9.09 -21.05 -6.75
C GLY A 27 8.77 -20.14 -7.91
N ASN A 28 9.54 -20.28 -8.99
CA ASN A 28 9.42 -19.41 -10.14
C ASN A 28 8.04 -19.48 -10.81
N ILE A 29 7.80 -18.58 -11.76
CA ILE A 29 6.67 -18.72 -12.66
C ILE A 29 6.91 -20.00 -13.46
N GLY A 30 5.93 -20.88 -13.49
CA GLY A 30 6.03 -22.13 -14.24
C GLY A 30 6.78 -23.24 -13.51
N SER A 31 6.79 -23.17 -12.17
CA SER A 31 7.49 -24.16 -11.36
C SER A 31 6.57 -25.32 -10.95
N GLY A 32 5.31 -25.25 -11.38
CA GLY A 32 4.34 -26.31 -11.09
C GLY A 32 3.58 -26.20 -9.79
N LYS A 33 3.54 -25.01 -9.19
CA LYS A 33 2.89 -24.79 -7.88
C LYS A 33 1.41 -25.10 -7.86
N THR A 34 0.71 -24.71 -8.93
CA THR A 34 -0.72 -24.97 -9.06
C THR A 34 -1.01 -26.47 -9.14
N THR A 35 -0.24 -27.18 -9.96
CA THR A 35 -0.35 -28.63 -10.06
C THR A 35 -0.08 -29.27 -8.70
N TYR A 36 0.99 -28.84 -8.05
CA TYR A 36 1.38 -29.34 -6.73
C TYR A 36 0.34 -29.09 -5.65
N LEU A 37 -0.27 -27.90 -5.67
CA LEU A 37 -1.28 -27.52 -4.69
C LEU A 37 -2.54 -28.36 -4.86
N ASN A 38 -2.84 -28.76 -6.10
CA ASN A 38 -4.01 -29.58 -6.41
C ASN A 38 -3.98 -30.98 -5.81
N HIS A 39 -2.77 -31.49 -5.56
CA HIS A 39 -2.59 -32.76 -4.84
C HIS A 39 -3.19 -32.73 -3.44
N PHE A 40 -3.34 -31.53 -2.88
CA PHE A 40 -3.87 -31.35 -1.54
C PHE A 40 -5.38 -31.14 -1.51
N GLU A 41 -5.99 -30.99 -2.69
CA GLU A 41 -7.43 -30.69 -2.83
C GLU A 41 -8.34 -31.70 -2.12
N LYS A 42 -7.97 -32.97 -2.19
CA LYS A 42 -8.72 -34.05 -1.54
C LYS A 42 -8.69 -33.96 -0.01
N TYR A 43 -7.76 -33.18 0.52
CA TYR A 43 -7.62 -32.99 1.96
C TYR A 43 -8.18 -31.66 2.47
N LYS A 44 -9.05 -31.04 1.66
CA LYS A 44 -9.66 -29.73 1.96
C LYS A 44 -10.41 -29.68 3.29
N ASN A 45 -10.83 -30.85 3.76
CA ASN A 45 -11.58 -31.00 5.00
C ASN A 45 -10.74 -30.72 6.24
N ASP A 46 -9.43 -30.98 6.13
CA ASP A 46 -8.52 -30.84 7.26
C ASP A 46 -7.40 -29.83 7.06
N ILE A 47 -7.22 -29.38 5.82
CA ILE A 47 -6.21 -28.38 5.47
C ILE A 47 -6.87 -27.12 4.90
N CYS A 48 -6.39 -25.95 5.33
CA CYS A 48 -6.75 -24.68 4.71
C CYS A 48 -5.89 -24.42 3.48
N LEU A 49 -6.50 -24.50 2.31
CA LEU A 49 -5.78 -24.31 1.04
C LEU A 49 -5.99 -22.95 0.40
N LEU A 50 -4.95 -22.13 0.42
CA LEU A 50 -5.02 -20.80 -0.20
C LEU A 50 -4.20 -20.72 -1.48
N THR A 51 -4.91 -20.85 -2.58
CA THR A 51 -4.40 -20.55 -3.92
C THR A 51 -3.97 -19.08 -4.02
N GLU A 52 -2.91 -18.82 -4.80
CA GLU A 52 -2.48 -17.46 -5.10
C GLU A 52 -3.66 -16.65 -5.69
N PRO A 53 -3.95 -15.47 -5.14
CA PRO A 53 -5.18 -14.77 -5.54
C PRO A 53 -5.09 -14.05 -6.89
N VAL A 54 -4.74 -14.79 -7.94
CA VAL A 54 -4.73 -14.31 -9.33
C VAL A 54 -6.09 -13.76 -9.79
N GLU A 55 -7.16 -14.39 -9.33
CA GLU A 55 -8.50 -13.96 -9.72
C GLU A 55 -8.85 -12.57 -9.18
N LYS A 56 -8.32 -12.27 -7.99
CA LYS A 56 -8.46 -10.94 -7.41
C LYS A 56 -7.71 -9.90 -8.23
N TRP A 57 -6.49 -10.25 -8.65
CA TRP A 57 -5.61 -9.35 -9.40
C TRP A 57 -6.17 -9.04 -10.79
N ARG A 58 -6.90 -10.00 -11.33
CA ARG A 58 -7.48 -9.92 -12.67
C ARG A 58 -8.77 -9.13 -12.71
N ASN A 59 -9.33 -8.87 -11.53
CA ASN A 59 -10.63 -8.24 -11.43
C ASN A 59 -10.70 -7.31 -10.22
N VAL A 60 -9.98 -6.19 -10.32
CA VAL A 60 -9.98 -5.20 -9.26
C VAL A 60 -11.04 -4.18 -9.67
N ASN A 61 -12.30 -4.54 -9.48
CA ASN A 61 -13.44 -3.78 -10.02
C ASN A 61 -13.45 -3.63 -11.52
N GLY A 62 -13.19 -4.73 -12.22
CA GLY A 62 -13.19 -4.73 -13.67
C GLY A 62 -11.85 -4.36 -14.25
N VAL A 63 -10.87 -4.10 -13.38
CA VAL A 63 -9.52 -3.80 -13.86
C VAL A 63 -8.58 -5.00 -13.66
N ASN A 64 -7.94 -5.42 -14.74
CA ASN A 64 -6.95 -6.50 -14.69
C ASN A 64 -5.58 -5.90 -14.51
N LEU A 65 -5.15 -5.80 -13.25
CA LEU A 65 -3.85 -5.22 -12.90
C LEU A 65 -2.69 -6.09 -13.36
N LEU A 66 -2.89 -7.41 -13.37
CA LEU A 66 -1.89 -8.37 -13.84
C LEU A 66 -1.58 -8.16 -15.32
N GLU A 67 -2.64 -8.08 -16.13
CA GLU A 67 -2.50 -7.75 -17.55
C GLU A 67 -1.80 -6.40 -17.72
N LEU A 68 -2.26 -5.37 -17.01
CA LEU A 68 -1.69 -4.04 -17.13
C LEU A 68 -0.20 -3.99 -16.75
N MET A 69 0.16 -4.69 -15.68
CA MET A 69 1.54 -4.78 -15.26
C MET A 69 2.40 -5.40 -16.37
N TYR A 70 1.97 -6.54 -16.93
CA TYR A 70 2.73 -7.21 -17.98
C TYR A 70 2.82 -6.43 -19.28
N LYS A 71 1.76 -5.69 -19.59
CA LYS A 71 1.70 -4.87 -20.79
C LYS A 71 2.52 -3.58 -20.66
N ASP A 72 2.58 -3.01 -19.46
CA ASP A 72 3.26 -1.73 -19.21
C ASP A 72 3.80 -1.66 -17.76
N PRO A 73 4.93 -2.34 -17.47
CA PRO A 73 5.42 -2.48 -16.11
C PRO A 73 5.91 -1.19 -15.45
N LYS A 74 6.52 -0.30 -16.22
CA LYS A 74 6.99 0.99 -15.69
C LYS A 74 5.82 1.83 -15.17
N LYS A 75 4.64 1.67 -15.79
CA LYS A 75 3.44 2.33 -15.30
C LYS A 75 2.74 1.56 -14.18
N TRP A 76 2.63 0.22 -14.34
CA TRP A 76 1.72 -0.56 -13.50
C TRP A 76 2.35 -1.48 -12.43
N ALA A 77 3.67 -1.62 -12.42
CA ALA A 77 4.33 -2.46 -11.43
C ALA A 77 3.98 -1.99 -10.03
N MET A 78 4.00 -0.68 -9.83
CA MET A 78 3.76 -0.11 -8.50
C MET A 78 2.35 -0.43 -7.95
N PRO A 79 1.28 -0.01 -8.65
CA PRO A 79 -0.05 -0.39 -8.13
C PRO A 79 -0.30 -1.91 -8.08
N PHE A 80 0.13 -2.63 -9.11
CA PHE A 80 0.07 -4.10 -9.08
C PHE A 80 0.70 -4.71 -7.83
N GLN A 81 1.95 -4.37 -7.54
CA GLN A 81 2.65 -4.98 -6.39
C GLN A 81 2.06 -4.54 -5.07
N SER A 82 1.52 -3.34 -5.04
CA SER A 82 0.81 -2.86 -3.86
C SER A 82 -0.46 -3.68 -3.64
N TYR A 83 -1.17 -3.99 -4.72
CA TYR A 83 -2.34 -4.84 -4.59
C TYR A 83 -1.97 -6.27 -4.26
N VAL A 84 -0.85 -6.76 -4.81
CA VAL A 84 -0.34 -8.08 -4.41
C VAL A 84 -0.11 -8.12 -2.90
N THR A 85 0.61 -7.11 -2.39
CA THR A 85 0.91 -7.03 -0.96
C THR A 85 -0.36 -7.16 -0.11
N LEU A 86 -1.40 -6.45 -0.53
CA LEU A 86 -2.67 -6.42 0.18
C LEU A 86 -3.31 -7.80 0.17
N THR A 87 -3.51 -8.37 -1.01
CA THR A 87 -4.15 -9.67 -1.15
C THR A 87 -3.39 -10.79 -0.42
N MET A 88 -2.06 -10.75 -0.45
CA MET A 88 -1.23 -11.71 0.30
C MET A 88 -1.44 -11.56 1.80
N LEU A 89 -1.39 -10.32 2.28
CA LEU A 89 -1.72 -9.98 3.66
C LEU A 89 -3.10 -10.49 4.09
N GLN A 90 -4.08 -10.41 3.19
CA GLN A 90 -5.43 -10.91 3.43
C GLN A 90 -5.44 -12.43 3.60
N SER A 91 -4.61 -13.11 2.80
CA SER A 91 -4.48 -14.57 2.87
C SER A 91 -3.74 -15.00 4.14
N HIS A 92 -2.62 -14.34 4.42
CA HIS A 92 -1.81 -14.60 5.62
C HIS A 92 -2.63 -14.48 6.90
N THR A 93 -3.54 -13.51 6.94
CA THR A 93 -4.30 -13.20 8.17
C THR A 93 -5.72 -13.75 8.16
N ALA A 94 -6.15 -14.32 7.03
CA ALA A 94 -7.48 -14.95 6.91
C ALA A 94 -7.78 -15.96 8.02
N PRO A 95 -9.05 -16.01 8.46
CA PRO A 95 -9.39 -16.90 9.57
C PRO A 95 -9.71 -18.32 9.12
N THR A 96 -9.20 -19.31 9.85
CA THR A 96 -9.55 -20.71 9.63
C THR A 96 -9.50 -21.53 10.91
N ASN A 97 -10.43 -22.47 11.04
CA ASN A 97 -10.43 -23.38 12.19
C ASN A 97 -9.58 -24.63 11.99
N LYS A 98 -9.15 -24.86 10.73
CA LYS A 98 -8.26 -25.96 10.38
C LYS A 98 -6.92 -25.82 11.11
N LYS A 99 -6.21 -26.93 11.29
CA LYS A 99 -4.98 -26.94 12.08
C LYS A 99 -3.72 -26.97 11.21
N LEU A 100 -3.92 -26.96 9.89
CA LEU A 100 -2.85 -26.78 8.92
C LEU A 100 -3.27 -25.85 7.79
N LYS A 101 -2.38 -24.93 7.44
CA LYS A 101 -2.64 -23.99 6.35
C LYS A 101 -1.54 -24.09 5.32
N ILE A 102 -1.93 -24.18 4.05
CA ILE A 102 -0.98 -24.19 2.96
C ILE A 102 -1.26 -23.03 2.00
N MET A 103 -0.24 -22.19 1.82
CA MET A 103 -0.37 -20.98 1.00
C MET A 103 0.48 -21.05 -0.24
N GLU A 104 -0.13 -20.75 -1.38
CA GLU A 104 0.62 -20.56 -2.61
C GLU A 104 1.23 -19.15 -2.67
N ARG A 105 2.55 -19.09 -2.55
CA ARG A 105 3.32 -17.85 -2.41
C ARG A 105 2.99 -17.06 -1.13
N SER A 106 3.57 -15.88 -1.01
CA SER A 106 3.54 -15.12 0.23
C SER A 106 3.95 -13.67 0.02
N ILE A 107 3.81 -12.88 1.08
CA ILE A 107 4.29 -11.50 1.14
C ILE A 107 5.82 -11.46 0.99
N PHE A 108 6.48 -12.54 1.37
CA PHE A 108 7.96 -12.66 1.32
C PHE A 108 8.52 -12.77 -0.10
N SER A 109 7.91 -13.61 -0.94
CA SER A 109 8.35 -13.70 -2.33
C SER A 109 8.01 -12.43 -3.12
N ALA A 110 6.85 -11.85 -2.85
CA ALA A 110 6.52 -10.51 -3.36
C ALA A 110 7.64 -9.51 -3.06
N ARG A 111 8.04 -9.43 -1.80
CA ARG A 111 9.06 -8.49 -1.40
C ARG A 111 10.46 -8.87 -1.92
N TYR A 112 10.89 -10.10 -1.65
CA TYR A 112 12.29 -10.49 -1.86
C TYR A 112 12.65 -10.87 -3.30
N CYS A 113 11.65 -11.28 -4.07
CA CYS A 113 11.88 -11.67 -5.45
C CYS A 113 11.21 -10.75 -6.46
N PHE A 114 9.88 -10.64 -6.40
CA PHE A 114 9.13 -9.94 -7.46
C PHE A 114 9.30 -8.41 -7.42
N VAL A 115 9.29 -7.82 -6.23
CA VAL A 115 9.51 -6.38 -6.12
C VAL A 115 10.98 -6.05 -6.35
N GLU A 116 11.88 -6.80 -5.71
CA GLU A 116 13.32 -6.66 -5.92
C GLU A 116 13.69 -6.74 -7.40
N ASN A 117 13.13 -7.69 -8.14
CA ASN A 117 13.41 -7.78 -9.57
C ASN A 117 12.88 -6.62 -10.41
N MET A 118 11.66 -6.17 -10.11
CA MET A 118 11.08 -5.00 -10.75
C MET A 118 11.88 -3.72 -10.48
N ARG A 119 12.47 -3.62 -9.28
CA ARG A 119 13.41 -2.55 -8.96
C ARG A 119 14.68 -2.63 -9.80
N ARG A 120 15.25 -3.84 -9.90
CA ARG A 120 16.50 -4.04 -10.64
C ARG A 120 16.38 -3.82 -12.13
N ASN A 121 15.25 -4.19 -12.72
CA ASN A 121 15.05 -3.99 -14.16
C ASN A 121 14.56 -2.58 -14.54
N GLY A 122 14.33 -1.74 -13.54
CA GLY A 122 13.98 -0.35 -13.76
C GLY A 122 12.49 -0.04 -13.92
N SER A 123 11.63 -1.04 -13.67
CA SER A 123 10.18 -0.84 -13.76
C SER A 123 9.63 -0.10 -12.56
N LEU A 124 10.30 -0.23 -11.42
CA LEU A 124 9.99 0.51 -10.22
C LEU A 124 11.10 1.50 -9.95
N GLU A 125 10.79 2.78 -10.10
CA GLU A 125 11.72 3.82 -9.71
C GLU A 125 11.95 3.80 -8.21
N GLN A 126 13.01 4.46 -7.77
CA GLN A 126 13.43 4.47 -6.37
C GLN A 126 12.30 4.80 -5.40
N GLY A 127 11.55 5.87 -5.72
CA GLY A 127 10.50 6.38 -4.83
C GLY A 127 9.31 5.46 -4.70
N MET A 128 9.03 4.74 -5.78
CA MET A 128 7.97 3.73 -5.81
C MET A 128 8.37 2.49 -5.03
N TYR A 129 9.60 2.02 -5.28
CA TYR A 129 10.18 0.92 -4.50
C TYR A 129 10.18 1.25 -3.02
N ASN A 130 10.66 2.46 -2.68
CA ASN A 130 10.71 2.92 -1.29
C ASN A 130 9.32 2.93 -0.63
N THR A 131 8.29 3.34 -1.37
CA THR A 131 6.92 3.31 -0.83
C THR A 131 6.48 1.89 -0.50
N LEU A 132 6.69 0.97 -1.44
CA LEU A 132 6.39 -0.45 -1.22
C LEU A 132 7.14 -1.01 -0.01
N GLU A 133 8.39 -0.59 0.15
CA GLU A 133 9.25 -1.03 1.25
C GLU A 133 8.80 -0.51 2.60
N GLU A 134 8.25 0.71 2.63
CA GLU A 134 7.70 1.26 3.87
C GLU A 134 6.48 0.50 4.33
N TRP A 135 5.63 0.09 3.38
CA TRP A 135 4.50 -0.77 3.70
C TRP A 135 4.94 -2.11 4.31
N TYR A 136 5.94 -2.76 3.69
CA TYR A 136 6.48 -4.03 4.20
C TYR A 136 6.99 -3.92 5.61
N LYS A 137 7.75 -2.86 5.88
CA LYS A 137 8.25 -2.57 7.22
C LYS A 137 7.14 -2.43 8.24
N PHE A 138 6.13 -1.64 7.89
CA PHE A 138 5.00 -1.39 8.78
C PHE A 138 4.23 -2.69 9.03
N ILE A 139 4.08 -3.50 7.98
CA ILE A 139 3.46 -4.82 8.13
C ILE A 139 4.23 -5.72 9.11
N GLU A 140 5.54 -5.89 8.89
CA GLU A 140 6.35 -6.72 9.79
C GLU A 140 6.41 -6.23 11.24
N GLU A 141 6.33 -4.91 11.43
CA GLU A 141 6.38 -4.33 12.78
C GLU A 141 5.04 -4.45 13.50
N SER A 142 3.95 -4.55 12.73
CA SER A 142 2.62 -4.59 13.31
C SER A 142 2.10 -6.02 13.41
N ILE A 143 2.41 -6.81 12.38
CA ILE A 143 1.93 -8.20 12.30
C ILE A 143 3.08 -9.20 12.18
N HIS A 144 3.13 -10.13 13.14
CA HIS A 144 3.89 -11.35 12.95
C HIS A 144 3.15 -12.18 11.87
N VAL A 145 3.86 -12.47 10.77
CA VAL A 145 3.26 -13.24 9.68
C VAL A 145 3.62 -14.71 9.89
N GLN A 146 2.58 -15.55 9.97
CA GLN A 146 2.75 -16.98 10.25
C GLN A 146 3.40 -17.71 9.08
N ALA A 147 4.58 -18.27 9.34
CA ALA A 147 5.33 -19.03 8.34
C ALA A 147 6.19 -20.07 9.02
N ASP A 148 5.77 -21.33 8.93
CA ASP A 148 6.46 -22.43 9.62
C ASP A 148 7.35 -23.27 8.70
N LEU A 149 6.93 -23.42 7.46
CA LEU A 149 7.68 -24.19 6.49
C LEU A 149 7.52 -23.61 5.10
N ILE A 150 8.63 -23.53 4.37
CA ILE A 150 8.61 -23.20 2.96
C ILE A 150 8.96 -24.45 2.16
N ILE A 151 8.09 -24.82 1.22
CA ILE A 151 8.42 -25.83 0.23
C ILE A 151 8.84 -25.14 -1.07
N TYR A 152 10.13 -25.20 -1.36
CA TYR A 152 10.66 -24.56 -2.57
C TYR A 152 10.67 -25.53 -3.75
N LEU A 153 9.77 -25.28 -4.71
CA LEU A 153 9.73 -26.02 -5.96
C LEU A 153 10.80 -25.49 -6.90
N ARG A 154 12.00 -26.03 -6.74
CA ARG A 154 13.17 -25.56 -7.48
C ARG A 154 13.16 -26.12 -8.90
N THR A 155 13.25 -25.23 -9.87
CA THR A 155 13.27 -25.57 -11.28
C THR A 155 14.47 -24.87 -11.92
N SER A 156 14.76 -25.20 -13.17
CA SER A 156 15.68 -24.40 -13.96
C SER A 156 14.85 -23.42 -14.77
N PRO A 157 15.38 -22.19 -15.01
CA PRO A 157 14.67 -21.20 -15.83
C PRO A 157 14.15 -21.73 -17.17
N GLU A 158 14.91 -22.62 -17.81
CA GLU A 158 14.53 -23.21 -19.10
C GLU A 158 13.30 -24.10 -18.98
N VAL A 159 13.21 -24.81 -17.87
CA VAL A 159 12.07 -25.69 -17.60
C VAL A 159 10.83 -24.86 -17.25
N ALA A 160 11.00 -23.89 -16.35
CA ALA A 160 9.95 -22.89 -16.06
C ALA A 160 9.46 -22.24 -17.35
N TYR A 161 10.38 -21.87 -18.24
CA TYR A 161 10.03 -21.30 -19.56
C TYR A 161 9.13 -22.23 -20.41
N GLU A 162 9.51 -23.51 -20.48
CA GLU A 162 8.77 -24.54 -21.22
C GLU A 162 7.36 -24.75 -20.70
N ARG A 163 7.23 -24.86 -19.38
CA ARG A 163 5.95 -24.98 -18.71
C ARG A 163 5.00 -23.86 -19.10
N ILE A 164 5.47 -22.63 -19.04
CA ILE A 164 4.68 -21.48 -19.49
C ILE A 164 4.25 -21.62 -20.96
N ARG A 165 5.18 -21.95 -21.87
CA ARG A 165 4.83 -22.04 -23.30
C ARG A 165 4.03 -23.30 -23.68
N GLN A 166 3.88 -24.24 -22.75
CA GLN A 166 3.13 -25.47 -23.02
C GLN A 166 1.68 -25.41 -22.53
N ARG A 167 1.36 -24.38 -21.74
CA ARG A 167 0.01 -24.26 -21.20
C ARG A 167 -0.76 -23.12 -21.87
N ALA A 168 -2.05 -23.01 -21.54
CA ALA A 168 -2.94 -22.00 -22.11
C ALA A 168 -2.38 -20.59 -21.98
N ARG A 169 -2.64 -19.78 -23.00
CA ARG A 169 -2.20 -18.40 -23.05
C ARG A 169 -2.87 -17.60 -21.94
N SER A 170 -2.08 -16.80 -21.25
CA SER A 170 -2.58 -15.81 -20.29
C SER A 170 -1.60 -14.63 -20.23
N GLU A 171 -1.70 -13.81 -19.19
CA GLU A 171 -0.94 -12.55 -19.09
C GLU A 171 0.56 -12.79 -19.08
N GLU A 172 0.98 -13.85 -18.37
CA GLU A 172 2.37 -14.36 -18.27
C GLU A 172 3.07 -14.70 -19.58
N SER A 173 2.30 -15.06 -20.58
CA SER A 173 2.78 -15.96 -21.63
C SER A 173 3.92 -15.42 -22.47
N CYS A 174 4.24 -14.12 -22.32
CA CYS A 174 5.36 -13.53 -23.06
C CYS A 174 6.59 -13.21 -22.23
N VAL A 175 6.65 -13.65 -20.97
CA VAL A 175 7.81 -13.33 -20.15
C VAL A 175 9.07 -13.96 -20.77
N PRO A 176 10.08 -13.12 -21.04
CA PRO A 176 11.30 -13.63 -21.66
C PRO A 176 11.99 -14.61 -20.72
N LEU A 177 12.87 -15.44 -21.28
CA LEU A 177 13.62 -16.37 -20.46
C LEU A 177 14.48 -15.60 -19.46
N LYS A 178 14.97 -14.44 -19.88
CA LYS A 178 15.83 -13.61 -19.01
C LYS A 178 15.14 -13.20 -17.70
N TYR A 179 13.87 -12.82 -17.81
CA TYR A 179 13.03 -12.49 -16.65
C TYR A 179 12.92 -13.66 -15.68
N LEU A 180 12.67 -14.85 -16.22
CA LEU A 180 12.60 -16.07 -15.42
C LEU A 180 13.95 -16.42 -14.77
N GLN A 181 15.05 -16.19 -15.49
CA GLN A 181 16.40 -16.36 -14.92
C GLN A 181 16.63 -15.40 -13.76
N GLU A 182 16.23 -14.14 -13.93
CA GLU A 182 16.28 -13.15 -12.84
C GLU A 182 15.51 -13.60 -11.59
N LEU A 183 14.27 -14.05 -11.79
CA LEU A 183 13.44 -14.55 -10.68
C LEU A 183 14.02 -15.79 -10.02
N HIS A 184 14.58 -16.68 -10.84
CA HIS A 184 15.26 -17.87 -10.34
C HIS A 184 16.39 -17.53 -9.36
N GLU A 185 17.30 -16.66 -9.78
CA GLU A 185 18.44 -16.29 -8.92
C GLU A 185 17.98 -15.68 -7.59
N LEU A 186 16.96 -14.84 -7.65
CA LEU A 186 16.36 -14.26 -6.46
C LEU A 186 15.72 -15.26 -5.51
N HIS A 187 15.04 -16.27 -6.05
CA HIS A 187 14.56 -17.39 -5.21
C HIS A 187 15.72 -18.20 -4.59
N GLU A 188 16.82 -18.37 -5.34
CA GLU A 188 18.03 -19.04 -4.84
C GLU A 188 18.69 -18.23 -3.72
N ASP A 189 18.88 -16.93 -3.94
CA ASP A 189 19.44 -16.05 -2.90
C ASP A 189 18.66 -16.18 -1.61
N TRP A 190 17.34 -16.11 -1.71
CA TRP A 190 16.46 -16.12 -0.57
C TRP A 190 16.41 -17.49 0.08
N LEU A 191 16.10 -18.51 -0.73
CA LEU A 191 15.70 -19.82 -0.19
C LEU A 191 16.83 -20.85 -0.04
N ILE A 192 17.92 -20.63 -0.76
CA ILE A 192 19.07 -21.53 -0.69
C ILE A 192 20.28 -20.87 -0.02
N HIS A 193 20.69 -19.70 -0.52
CA HIS A 193 21.81 -18.96 0.07
C HIS A 193 21.49 -18.41 1.46
N GLN A 194 20.20 -18.26 1.76
CA GLN A 194 19.70 -17.68 3.02
C GLN A 194 20.26 -16.27 3.24
N ARG A 195 20.20 -15.48 2.18
CA ARG A 195 20.65 -14.10 2.19
C ARG A 195 19.53 -13.09 2.43
N ARG A 196 18.32 -13.58 2.66
CA ARG A 196 17.17 -12.75 3.05
C ARG A 196 16.73 -13.24 4.42
N PRO A 197 16.11 -12.36 5.23
CA PRO A 197 15.87 -12.70 6.64
C PRO A 197 14.72 -13.69 6.92
N GLN A 198 14.79 -14.91 6.36
CA GLN A 198 13.65 -15.83 6.50
C GLN A 198 13.48 -16.49 7.89
N SER A 199 14.52 -17.17 8.39
CA SER A 199 14.48 -17.90 9.68
C SER A 199 13.23 -18.79 9.75
N CYS A 200 13.31 -19.88 8.98
CA CYS A 200 12.19 -20.75 8.65
C CYS A 200 12.78 -21.93 7.90
N LYS A 201 12.30 -23.14 8.17
CA LYS A 201 12.80 -24.32 7.47
C LYS A 201 12.36 -24.32 6.00
N VAL A 202 13.32 -24.55 5.11
CA VAL A 202 13.07 -24.65 3.67
C VAL A 202 13.26 -26.10 3.21
N LEU A 203 12.22 -26.67 2.61
CA LEU A 203 12.33 -27.97 1.97
C LEU A 203 12.40 -27.81 0.46
N VAL A 204 13.54 -28.19 -0.13
CA VAL A 204 13.75 -28.04 -1.57
C VAL A 204 13.28 -29.30 -2.30
N LEU A 205 12.43 -29.11 -3.30
CA LEU A 205 11.99 -30.20 -4.18
C LEU A 205 12.43 -29.92 -5.61
N ASP A 206 12.86 -30.97 -6.32
CA ASP A 206 13.22 -30.85 -7.73
C ASP A 206 11.96 -30.89 -8.58
N ALA A 207 11.50 -29.71 -8.98
CA ALA A 207 10.27 -29.56 -9.75
C ALA A 207 10.55 -29.54 -11.26
N ASP A 208 11.64 -30.18 -11.66
CA ASP A 208 12.02 -30.28 -13.07
C ASP A 208 11.51 -31.58 -13.72
N THR B 18 -6.83 0.80 21.87
CA THR B 18 -6.59 1.68 23.04
C THR B 18 -6.08 3.08 22.61
N GLN B 19 -7.01 3.92 22.17
CA GLN B 19 -6.68 5.28 21.72
C GLN B 19 -7.50 6.31 22.50
N PRO B 20 -6.86 7.43 22.91
CA PRO B 20 -7.57 8.49 23.64
C PRO B 20 -8.58 9.21 22.76
N PHE B 21 -9.35 10.13 23.36
CA PHE B 21 -10.26 11.03 22.61
C PHE B 21 -9.48 11.68 21.48
N THR B 22 -10.02 11.59 20.26
CA THR B 22 -9.28 12.04 19.08
C THR B 22 -9.99 13.14 18.30
N VAL B 23 -9.28 14.25 18.14
CA VAL B 23 -9.74 15.38 17.33
C VAL B 23 -8.90 15.42 16.05
N LEU B 24 -9.58 15.60 14.92
CA LEU B 24 -8.95 15.74 13.62
C LEU B 24 -9.12 17.15 13.09
N ILE B 25 -8.01 17.78 12.71
CA ILE B 25 -8.05 19.11 12.09
C ILE B 25 -8.04 18.99 10.56
N GLU B 26 -9.15 19.34 9.95
CA GLU B 26 -9.34 19.26 8.51
C GLU B 26 -9.54 20.62 7.88
N GLY B 27 -9.24 20.71 6.59
CA GLY B 27 -9.38 21.95 5.83
C GLY B 27 -8.46 21.94 4.62
N ASN B 28 -8.71 22.87 3.72
CA ASN B 28 -7.97 22.98 2.47
C ASN B 28 -6.46 23.23 2.67
N ILE B 29 -5.69 23.16 1.59
CA ILE B 29 -4.33 23.65 1.62
C ILE B 29 -4.42 25.17 1.83
N GLY B 30 -3.65 25.67 2.81
CA GLY B 30 -3.67 27.09 3.15
C GLY B 30 -4.82 27.51 4.04
N SER B 31 -5.36 26.59 4.82
CA SER B 31 -6.50 26.91 5.69
C SER B 31 -6.07 27.30 7.10
N GLY B 32 -4.75 27.32 7.31
CA GLY B 32 -4.17 27.77 8.57
C GLY B 32 -4.02 26.71 9.66
N LYS B 33 -4.06 25.44 9.27
CA LYS B 33 -4.02 24.31 10.21
C LYS B 33 -2.74 24.28 11.04
N THR B 34 -1.61 24.54 10.40
CA THR B 34 -0.32 24.59 11.09
C THR B 34 -0.26 25.69 12.14
N THR B 35 -0.71 26.90 11.78
CA THR B 35 -0.85 28.00 12.73
C THR B 35 -1.79 27.62 13.88
N TYR B 36 -2.97 27.11 13.54
CA TYR B 36 -3.95 26.65 14.53
C TYR B 36 -3.39 25.58 15.48
N LEU B 37 -2.65 24.62 14.92
CA LEU B 37 -2.12 23.50 15.69
C LEU B 37 -1.06 23.97 16.68
N ASN B 38 -0.35 25.03 16.32
CA ASN B 38 0.67 25.65 17.18
C ASN B 38 0.14 26.26 18.48
N HIS B 39 -1.13 26.69 18.47
CA HIS B 39 -1.79 27.18 19.67
C HIS B 39 -1.82 26.11 20.77
N PHE B 40 -1.76 24.84 20.35
CA PHE B 40 -1.84 23.72 21.28
C PHE B 40 -0.46 23.26 21.80
N GLU B 41 0.60 23.81 21.23
CA GLU B 41 1.98 23.43 21.56
C GLU B 41 2.32 23.55 23.06
N LYS B 42 1.80 24.60 23.70
CA LYS B 42 2.03 24.83 25.14
C LYS B 42 1.36 23.74 26.01
N TYR B 43 0.43 22.99 25.41
CA TYR B 43 -0.31 21.95 26.13
C TYR B 43 0.23 20.54 25.81
N LYS B 44 1.43 20.48 25.25
CA LYS B 44 2.08 19.22 24.86
C LYS B 44 2.21 18.17 25.96
N ASN B 45 2.17 18.64 27.21
CA ASN B 45 2.30 17.79 28.39
C ASN B 45 1.06 16.92 28.62
N ASP B 46 -0.09 17.40 28.18
CA ASP B 46 -1.37 16.72 28.43
C ASP B 46 -2.11 16.33 27.15
N ILE B 47 -1.64 16.84 26.00
CA ILE B 47 -2.25 16.53 24.70
C ILE B 47 -1.20 15.85 23.80
N CYS B 48 -1.65 14.82 23.07
CA CYS B 48 -0.84 14.19 22.03
C CYS B 48 -1.06 14.95 20.72
N LEU B 49 -0.02 15.67 20.29
CA LEU B 49 -0.09 16.52 19.09
C LEU B 49 0.61 15.92 17.89
N LEU B 50 -0.18 15.48 16.92
CA LEU B 50 0.36 14.90 15.69
C LEU B 50 0.21 15.81 14.47
N THR B 51 1.27 16.54 14.18
CA THR B 51 1.45 17.32 12.96
C THR B 51 1.38 16.41 11.72
N GLU B 52 0.80 16.92 10.64
CA GLU B 52 0.77 16.19 9.37
C GLU B 52 2.20 15.82 8.97
N PRO B 53 2.46 14.53 8.65
CA PRO B 53 3.82 14.05 8.45
C PRO B 53 4.43 14.42 7.09
N VAL B 54 4.45 15.72 6.80
CA VAL B 54 5.06 16.28 5.57
C VAL B 54 6.56 16.00 5.49
N GLU B 55 7.23 15.94 6.65
CA GLU B 55 8.67 15.66 6.70
C GLU B 55 8.99 14.23 6.28
N LYS B 56 8.09 13.31 6.62
CA LYS B 56 8.16 11.92 6.15
C LYS B 56 8.02 11.86 4.63
N TRP B 57 7.02 12.57 4.10
CA TRP B 57 6.73 12.57 2.66
C TRP B 57 7.83 13.17 1.81
N ARG B 58 8.59 14.09 2.39
CA ARG B 58 9.69 14.80 1.73
C ARG B 58 11.01 14.03 1.76
N ASN B 59 11.07 12.97 2.55
CA ASN B 59 12.27 12.21 2.74
C ASN B 59 11.89 10.75 2.96
N VAL B 60 11.47 10.10 1.87
CA VAL B 60 11.25 8.66 1.88
C VAL B 60 12.56 8.05 1.39
N ASN B 61 13.53 7.93 2.29
CA ASN B 61 14.91 7.51 1.95
C ASN B 61 15.58 8.39 0.92
N GLY B 62 15.46 9.70 1.09
CA GLY B 62 16.06 10.67 0.18
C GLY B 62 15.18 11.01 -1.00
N VAL B 63 14.00 10.40 -1.06
CA VAL B 63 13.05 10.72 -2.13
C VAL B 63 11.93 11.62 -1.61
N ASN B 64 11.72 12.75 -2.28
CA ASN B 64 10.65 13.67 -1.92
C ASN B 64 9.46 13.37 -2.81
N LEU B 65 8.54 12.57 -2.26
CA LEU B 65 7.36 12.13 -3.01
C LEU B 65 6.37 13.27 -3.23
N LEU B 66 6.31 14.19 -2.26
CA LEU B 66 5.46 15.38 -2.35
C LEU B 66 5.86 16.27 -3.53
N GLU B 67 7.17 16.54 -3.64
CA GLU B 67 7.70 17.26 -4.79
C GLU B 67 7.41 16.52 -6.10
N LEU B 68 7.69 15.22 -6.13
CA LEU B 68 7.46 14.43 -7.34
C LEU B 68 5.99 14.40 -7.74
N MET B 69 5.11 14.25 -6.76
CA MET B 69 3.67 14.29 -7.03
C MET B 69 3.24 15.62 -7.68
N TYR B 70 3.71 16.74 -7.12
CA TYR B 70 3.32 18.06 -7.63
C TYR B 70 3.88 18.32 -9.02
N LYS B 71 5.11 17.85 -9.25
CA LYS B 71 5.83 18.02 -10.51
C LYS B 71 5.27 17.12 -11.62
N ASP B 72 4.81 15.93 -11.25
CA ASP B 72 4.35 14.94 -12.21
C ASP B 72 3.27 14.01 -11.62
N PRO B 73 2.02 14.53 -11.45
CA PRO B 73 0.96 13.83 -10.72
C PRO B 73 0.47 12.53 -11.38
N LYS B 74 0.36 12.51 -12.71
CA LYS B 74 -0.01 11.30 -13.44
C LYS B 74 0.94 10.14 -13.19
N LYS B 75 2.20 10.44 -12.92
CA LYS B 75 3.19 9.42 -12.55
C LYS B 75 3.20 9.13 -11.03
N TRP B 76 3.15 10.19 -10.22
CA TRP B 76 3.46 10.05 -8.79
C TRP B 76 2.31 10.18 -7.79
N ALA B 77 1.12 10.52 -8.27
CA ALA B 77 -0.04 10.59 -7.38
C ALA B 77 -0.27 9.26 -6.66
N MET B 78 -0.15 8.16 -7.39
CA MET B 78 -0.37 6.82 -6.84
C MET B 78 0.57 6.46 -5.68
N PRO B 79 1.90 6.42 -5.93
CA PRO B 79 2.79 6.14 -4.79
C PRO B 79 2.69 7.18 -3.66
N PHE B 80 2.62 8.46 -4.00
CA PHE B 80 2.42 9.50 -2.99
C PHE B 80 1.22 9.24 -2.05
N GLN B 81 0.03 9.08 -2.63
CA GLN B 81 -1.19 8.84 -1.82
C GLN B 81 -1.11 7.55 -1.03
N SER B 82 -0.49 6.52 -1.61
CA SER B 82 -0.25 5.27 -0.90
C SER B 82 0.60 5.49 0.35
N TYR B 83 1.68 6.27 0.20
CA TYR B 83 2.53 6.64 1.34
C TYR B 83 1.82 7.59 2.34
N VAL B 84 0.98 8.48 1.83
CA VAL B 84 0.13 9.26 2.71
C VAL B 84 -0.73 8.34 3.57
N THR B 85 -1.46 7.40 2.95
CA THR B 85 -2.31 6.43 3.67
C THR B 85 -1.52 5.75 4.79
N LEU B 86 -0.29 5.33 4.46
CA LEU B 86 0.54 4.62 5.41
C LEU B 86 0.87 5.50 6.59
N THR B 87 1.45 6.67 6.31
CA THR B 87 1.84 7.61 7.38
C THR B 87 0.68 8.09 8.25
N MET B 88 -0.49 8.30 7.64
CA MET B 88 -1.68 8.66 8.41
C MET B 88 -2.11 7.52 9.31
N LEU B 89 -2.10 6.30 8.76
CA LEU B 89 -2.39 5.09 9.52
C LEU B 89 -1.44 4.94 10.72
N GLN B 90 -0.18 5.30 10.53
CA GLN B 90 0.84 5.23 11.58
C GLN B 90 0.50 6.23 12.69
N SER B 91 0.06 7.42 12.31
CA SER B 91 -0.37 8.44 13.27
C SER B 91 -1.63 8.03 14.01
N HIS B 92 -2.65 7.57 13.27
CA HIS B 92 -3.92 7.12 13.84
C HIS B 92 -3.73 6.04 14.90
N THR B 93 -2.80 5.12 14.64
CA THR B 93 -2.58 3.96 15.52
C THR B 93 -1.39 4.13 16.47
N ALA B 94 -0.64 5.22 16.35
CA ALA B 94 0.48 5.52 17.25
C ALA B 94 0.09 5.44 18.74
N PRO B 95 1.03 4.97 19.59
CA PRO B 95 0.72 4.84 21.02
C PRO B 95 0.98 6.12 21.80
N THR B 96 0.07 6.45 22.72
CA THR B 96 0.24 7.58 23.63
C THR B 96 -0.52 7.34 24.94
N ASN B 97 0.08 7.77 26.04
CA ASN B 97 -0.57 7.67 27.34
C ASN B 97 -1.46 8.88 27.67
N LYS B 98 -1.34 9.94 26.87
CA LYS B 98 -2.14 11.16 27.03
C LYS B 98 -3.61 10.82 26.82
N LYS B 99 -4.50 11.63 27.38
CA LYS B 99 -5.94 11.33 27.33
C LYS B 99 -6.68 12.15 26.26
N LEU B 100 -5.92 12.97 25.54
CA LEU B 100 -6.45 13.69 24.37
C LEU B 100 -5.44 13.67 23.23
N LYS B 101 -5.92 13.36 22.03
CA LYS B 101 -5.09 13.36 20.84
C LYS B 101 -5.67 14.29 19.79
N ILE B 102 -4.80 15.13 19.24
CA ILE B 102 -5.19 16.02 18.15
C ILE B 102 -4.33 15.73 16.93
N MET B 103 -5.00 15.42 15.83
CA MET B 103 -4.32 15.08 14.58
C MET B 103 -4.55 16.10 13.48
N GLU B 104 -3.46 16.52 12.84
CA GLU B 104 -3.57 17.33 11.63
C GLU B 104 -3.89 16.42 10.43
N ARG B 105 -5.12 16.55 9.93
CA ARG B 105 -5.64 15.72 8.84
C ARG B 105 -5.78 14.26 9.25
N SER B 106 -6.16 13.40 8.31
CA SER B 106 -6.48 12.01 8.61
C SER B 106 -6.50 11.15 7.35
N ILE B 107 -6.66 9.85 7.53
CA ILE B 107 -6.88 8.91 6.44
C ILE B 107 -8.17 9.24 5.65
N PHE B 108 -9.12 9.89 6.33
CA PHE B 108 -10.42 10.26 5.74
C PHE B 108 -10.36 11.39 4.72
N SER B 109 -9.62 12.47 5.03
CA SER B 109 -9.43 13.52 4.02
C SER B 109 -8.60 13.05 2.82
N ALA B 110 -7.58 12.22 3.09
CA ALA B 110 -6.82 11.55 2.03
C ALA B 110 -7.77 10.84 1.06
N ARG B 111 -8.65 10.03 1.62
CA ARG B 111 -9.58 9.25 0.83
C ARG B 111 -10.64 10.13 0.17
N TYR B 112 -11.39 10.86 0.97
CA TYR B 112 -12.60 11.55 0.51
C TYR B 112 -12.37 12.82 -0.29
N CYS B 113 -11.22 13.46 -0.09
CA CYS B 113 -10.89 14.69 -0.78
C CYS B 113 -9.70 14.58 -1.75
N PHE B 114 -8.51 14.30 -1.20
CA PHE B 114 -7.29 14.31 -2.01
C PHE B 114 -7.18 13.19 -3.05
N VAL B 115 -7.56 11.98 -2.68
CA VAL B 115 -7.57 10.86 -3.64
C VAL B 115 -8.72 11.01 -4.63
N GLU B 116 -9.91 11.36 -4.13
CA GLU B 116 -11.06 11.61 -4.97
C GLU B 116 -10.80 12.68 -6.03
N ASN B 117 -10.19 13.79 -5.63
CA ASN B 117 -9.85 14.84 -6.58
C ASN B 117 -8.85 14.41 -7.63
N MET B 118 -7.83 13.65 -7.21
CA MET B 118 -6.80 13.16 -8.14
C MET B 118 -7.41 12.16 -9.15
N ARG B 119 -8.46 11.47 -8.73
CA ARG B 119 -9.22 10.62 -9.63
C ARG B 119 -10.00 11.43 -10.64
N ARG B 120 -10.70 12.46 -10.16
CA ARG B 120 -11.48 13.36 -11.01
C ARG B 120 -10.66 14.16 -12.02
N ASN B 121 -9.48 14.64 -11.64
CA ASN B 121 -8.65 15.39 -12.58
C ASN B 121 -7.83 14.50 -13.54
N GLY B 122 -7.94 13.19 -13.38
CA GLY B 122 -7.28 12.23 -14.26
C GLY B 122 -5.84 11.88 -13.92
N SER B 123 -5.38 12.28 -12.75
CA SER B 123 -4.02 11.96 -12.30
C SER B 123 -3.89 10.53 -11.83
N LEU B 124 -4.99 10.00 -11.28
CA LEU B 124 -5.10 8.60 -10.94
C LEU B 124 -6.03 7.92 -11.90
N GLU B 125 -5.48 7.02 -12.71
CA GLU B 125 -6.27 6.15 -13.58
C GLU B 125 -7.11 5.21 -12.73
N GLN B 126 -8.15 4.66 -13.35
CA GLN B 126 -9.12 3.80 -12.66
C GLN B 126 -8.45 2.74 -11.80
N GLY B 127 -7.50 2.00 -12.38
CA GLY B 127 -6.86 0.86 -11.70
C GLY B 127 -6.02 1.26 -10.52
N MET B 128 -5.46 2.47 -10.58
CA MET B 128 -4.66 3.04 -9.50
C MET B 128 -5.52 3.53 -8.34
N TYR B 129 -6.63 4.19 -8.69
CA TYR B 129 -7.63 4.58 -7.72
C TYR B 129 -8.21 3.34 -7.04
N ASN B 130 -8.58 2.34 -7.84
CA ASN B 130 -9.11 1.07 -7.32
C ASN B 130 -8.17 0.40 -6.31
N THR B 131 -6.87 0.43 -6.59
CA THR B 131 -5.87 -0.14 -5.67
C THR B 131 -5.85 0.60 -4.34
N LEU B 132 -5.77 1.93 -4.41
CA LEU B 132 -5.89 2.78 -3.23
C LEU B 132 -7.19 2.50 -2.45
N GLU B 133 -8.30 2.35 -3.16
CA GLU B 133 -9.60 2.08 -2.55
C GLU B 133 -9.68 0.74 -1.83
N GLU B 134 -9.04 -0.29 -2.40
CA GLU B 134 -8.95 -1.60 -1.76
C GLU B 134 -8.19 -1.56 -0.46
N TRP B 135 -7.10 -0.79 -0.41
CA TRP B 135 -6.38 -0.56 0.85
C TRP B 135 -7.27 0.09 1.92
N TYR B 136 -8.02 1.12 1.54
CA TYR B 136 -8.89 1.82 2.50
C TYR B 136 -9.92 0.87 3.09
N LYS B 137 -10.56 0.08 2.22
CA LYS B 137 -11.54 -0.93 2.64
C LYS B 137 -10.94 -1.93 3.62
N PHE B 138 -9.77 -2.44 3.30
CA PHE B 138 -9.10 -3.38 4.18
C PHE B 138 -8.73 -2.74 5.51
N ILE B 139 -8.30 -1.49 5.48
CA ILE B 139 -8.03 -0.73 6.72
C ILE B 139 -9.29 -0.59 7.58
N GLU B 140 -10.38 -0.09 7.00
CA GLU B 140 -11.63 0.10 7.75
C GLU B 140 -12.23 -1.21 8.30
N GLU B 141 -12.02 -2.31 7.59
CA GLU B 141 -12.53 -3.63 8.01
C GLU B 141 -11.69 -4.24 9.12
N SER B 142 -10.40 -3.90 9.15
CA SER B 142 -9.48 -4.48 10.12
C SER B 142 -9.31 -3.59 11.34
N ILE B 143 -9.25 -2.28 11.10
CA ILE B 143 -9.02 -1.30 12.16
C ILE B 143 -10.16 -0.31 12.25
N HIS B 144 -10.75 -0.22 13.43
CA HIS B 144 -11.56 0.95 13.80
C HIS B 144 -10.60 2.13 14.00
N VAL B 145 -10.80 3.19 13.21
CA VAL B 145 -9.95 4.37 13.29
C VAL B 145 -10.59 5.36 14.26
N GLN B 146 -9.84 5.75 15.29
CA GLN B 146 -10.32 6.65 16.34
C GLN B 146 -10.54 8.06 15.81
N ALA B 147 -11.79 8.49 15.82
CA ALA B 147 -12.18 9.83 15.38
C ALA B 147 -13.43 10.32 16.14
N ASP B 148 -13.22 11.20 17.11
CA ASP B 148 -14.29 11.67 17.98
C ASP B 148 -14.84 13.04 17.57
N LEU B 149 -13.96 13.92 17.10
CA LEU B 149 -14.35 15.26 16.68
C LEU B 149 -13.51 15.72 15.50
N ILE B 150 -14.16 16.33 14.52
CA ILE B 150 -13.49 17.02 13.41
C ILE B 150 -13.70 18.53 13.56
N ILE B 151 -12.60 19.27 13.65
CA ILE B 151 -12.63 20.71 13.57
C ILE B 151 -12.32 21.11 12.13
N TYR B 152 -13.35 21.56 11.42
CA TYR B 152 -13.22 22.02 10.04
C TYR B 152 -12.87 23.50 9.93
N LEU B 153 -11.60 23.78 9.63
CA LEU B 153 -11.17 25.15 9.34
C LEU B 153 -11.65 25.52 7.94
N ARG B 154 -12.87 26.04 7.88
CA ARG B 154 -13.50 26.41 6.61
C ARG B 154 -12.94 27.74 6.11
N THR B 155 -12.47 27.74 4.86
CA THR B 155 -11.95 28.93 4.20
C THR B 155 -12.61 29.07 2.84
N SER B 156 -12.34 30.19 2.17
CA SER B 156 -12.67 30.35 0.77
C SER B 156 -11.38 30.09 -0.01
N PRO B 157 -11.49 29.40 -1.16
CA PRO B 157 -10.31 29.03 -1.95
C PRO B 157 -9.35 30.19 -2.27
N GLU B 158 -9.88 31.40 -2.40
CA GLU B 158 -9.02 32.53 -2.77
C GLU B 158 -8.16 33.01 -1.60
N VAL B 159 -8.70 32.90 -0.38
CA VAL B 159 -7.97 33.19 0.85
C VAL B 159 -6.90 32.11 1.10
N ALA B 160 -7.30 30.84 0.94
CA ALA B 160 -6.36 29.72 0.98
C ALA B 160 -5.19 29.94 0.03
N TYR B 161 -5.47 30.36 -1.21
CA TYR B 161 -4.43 30.70 -2.19
C TYR B 161 -3.41 31.74 -1.68
N GLU B 162 -3.91 32.80 -1.06
CA GLU B 162 -3.05 33.84 -0.49
C GLU B 162 -2.17 33.29 0.62
N ARG B 163 -2.74 32.43 1.46
CA ARG B 163 -1.97 31.77 2.52
C ARG B 163 -0.82 30.88 2.02
N ILE B 164 -1.01 30.21 0.88
CA ILE B 164 0.05 29.37 0.32
C ILE B 164 1.21 30.21 -0.23
N ARG B 165 0.88 31.31 -0.90
CA ARG B 165 1.87 32.21 -1.46
C ARG B 165 2.60 32.99 -0.37
N GLN B 166 1.84 33.36 0.67
CA GLN B 166 2.31 33.90 1.93
C GLN B 166 3.46 33.09 2.56
N ARG B 167 3.42 31.76 2.43
CA ARG B 167 4.50 30.91 2.93
C ARG B 167 5.33 30.28 1.80
N ALA B 168 6.64 30.33 1.96
CA ALA B 168 7.56 29.75 0.97
C ALA B 168 7.57 28.23 1.06
N ARG B 169 6.89 27.57 0.13
CA ARG B 169 6.94 26.11 0.04
C ARG B 169 7.10 25.65 -1.41
N SER B 170 8.34 25.39 -1.78
CA SER B 170 8.74 25.02 -3.15
C SER B 170 7.74 24.10 -3.85
N GLU B 171 7.25 23.10 -3.11
CA GLU B 171 6.33 22.08 -3.61
C GLU B 171 4.98 22.61 -4.13
N GLU B 172 4.32 23.43 -3.31
CA GLU B 172 2.96 23.87 -3.60
C GLU B 172 2.89 25.10 -4.47
N SER B 173 4.04 25.57 -4.94
CA SER B 173 4.08 26.87 -5.61
C SER B 173 3.68 26.82 -7.09
N CYS B 174 3.08 25.71 -7.51
CA CYS B 174 2.49 25.63 -8.83
C CYS B 174 1.03 25.25 -8.74
N VAL B 175 0.46 25.25 -7.54
CA VAL B 175 -0.94 24.86 -7.39
C VAL B 175 -1.88 25.97 -7.84
N PRO B 176 -2.73 25.67 -8.84
CA PRO B 176 -3.70 26.63 -9.35
C PRO B 176 -4.85 26.85 -8.37
N LEU B 177 -5.49 28.02 -8.45
CA LEU B 177 -6.69 28.31 -7.65
C LEU B 177 -7.78 27.27 -7.91
N LYS B 178 -7.91 26.82 -9.16
CA LYS B 178 -8.89 25.79 -9.55
C LYS B 178 -8.78 24.49 -8.75
N TYR B 179 -7.55 24.09 -8.45
CA TYR B 179 -7.26 22.89 -7.67
C TYR B 179 -7.74 23.07 -6.24
N LEU B 180 -7.48 24.25 -5.67
CA LEU B 180 -7.98 24.60 -4.35
C LEU B 180 -9.51 24.69 -4.27
N GLN B 181 -10.15 25.15 -5.34
CA GLN B 181 -11.61 25.17 -5.43
C GLN B 181 -12.15 23.74 -5.42
N GLU B 182 -11.54 22.86 -6.21
CA GLU B 182 -11.88 21.44 -6.22
C GLU B 182 -11.78 20.81 -4.85
N LEU B 183 -10.68 21.08 -4.13
CA LEU B 183 -10.51 20.53 -2.80
C LEU B 183 -11.47 21.12 -1.78
N HIS B 184 -11.79 22.40 -1.96
CA HIS B 184 -12.81 23.07 -1.15
C HIS B 184 -14.18 22.39 -1.24
N GLU B 185 -14.69 22.18 -2.46
CA GLU B 185 -16.01 21.55 -2.65
C GLU B 185 -16.08 20.14 -2.05
N LEU B 186 -14.99 19.39 -2.20
CA LEU B 186 -14.88 18.07 -1.60
C LEU B 186 -14.90 18.08 -0.07
N HIS B 187 -14.23 19.04 0.55
CA HIS B 187 -14.33 19.21 2.01
C HIS B 187 -15.77 19.62 2.42
N GLU B 188 -16.45 20.40 1.59
CA GLU B 188 -17.86 20.80 1.82
C GLU B 188 -18.80 19.59 1.74
N ASP B 189 -18.68 18.81 0.66
CA ASP B 189 -19.45 17.56 0.51
C ASP B 189 -19.29 16.66 1.73
N TRP B 190 -18.05 16.37 2.08
CA TRP B 190 -17.75 15.53 3.23
C TRP B 190 -18.27 16.13 4.53
N LEU B 191 -17.99 17.40 4.76
CA LEU B 191 -18.12 17.96 6.10
C LEU B 191 -19.37 18.80 6.34
N ILE B 192 -20.12 19.09 5.28
CA ILE B 192 -21.36 19.87 5.38
C ILE B 192 -22.55 19.20 4.66
N HIS B 193 -22.42 18.98 3.35
CA HIS B 193 -23.51 18.41 2.55
C HIS B 193 -23.50 16.88 2.56
N CYS B 200 -19.73 11.38 13.02
CA CYS B 200 -18.74 12.10 13.80
C CYS B 200 -19.13 13.57 13.85
N LYS B 201 -19.02 14.19 15.03
CA LYS B 201 -19.33 15.61 15.19
C LYS B 201 -18.31 16.51 14.48
N VAL B 202 -18.83 17.42 13.67
CA VAL B 202 -18.01 18.40 12.96
C VAL B 202 -18.25 19.80 13.55
N LEU B 203 -17.17 20.45 13.97
CA LEU B 203 -17.21 21.84 14.40
C LEU B 203 -16.59 22.73 13.33
N VAL B 204 -17.40 23.57 12.71
CA VAL B 204 -16.96 24.46 11.63
C VAL B 204 -16.44 25.79 12.18
N LEU B 205 -15.22 26.15 11.83
CA LEU B 205 -14.64 27.44 12.19
C LEU B 205 -14.37 28.28 10.94
N ASP B 206 -14.64 29.58 11.02
CA ASP B 206 -14.32 30.50 9.93
C ASP B 206 -12.83 30.83 9.97
N ALA B 207 -12.07 30.14 9.14
CA ALA B 207 -10.61 30.33 9.09
C ALA B 207 -10.22 31.36 8.03
N ASP B 208 -11.13 32.30 7.75
CA ASP B 208 -10.87 33.36 6.76
C ASP B 208 -10.34 34.63 7.42
S SO4 C . 3.16 -22.34 -11.63
O1 SO4 C . 3.32 -21.05 -12.34
O2 SO4 C . 3.46 -23.38 -12.60
O3 SO4 C . 4.04 -22.38 -10.48
O4 SO4 C . 1.81 -22.55 -11.13
N1 DCZ D . 3.33 -12.34 -9.75
C2 DCZ D . 3.94 -11.15 -9.68
N3 DCZ D . 4.29 -10.61 -8.50
C4 DCZ D . 4.04 -11.27 -7.36
C5 DCZ D . 3.41 -12.52 -7.40
C6 DCZ D . 3.06 -13.04 -8.64
O2 DCZ D . 4.23 -10.46 -10.80
N4 DCZ D . 4.42 -10.71 -6.18
C1' DCZ D . 2.97 -12.85 -11.07
C2' DCZ D . 3.85 -14.01 -11.51
C3' DCZ D . 2.91 -14.83 -12.36
C4' DCZ D . 1.49 -14.43 -11.98
O4' DCZ D . 1.62 -13.33 -11.06
O3' DCZ D . 3.13 -14.43 -13.70
C5' DCZ D . 0.72 -15.54 -11.28
O5' DCZ D . 1.56 -16.10 -10.26
S SO4 E . -2.22 24.93 6.06
O1 SO4 E . -2.24 26.38 5.92
O2 SO4 E . -1.72 24.37 4.81
O3 SO4 E . -1.34 24.64 7.18
O4 SO4 E . -3.56 24.39 6.32
N1 DCZ F . -1.46 16.65 0.57
C2 DCZ F . -1.95 15.86 -0.41
N3 DCZ F . -2.73 14.78 -0.10
C4 DCZ F . -3.01 14.50 1.19
C5 DCZ F . -2.51 15.30 2.21
C6 DCZ F . -1.72 16.38 1.87
O2 DCZ F . -1.69 16.10 -1.72
N4 DCZ F . -3.80 13.44 1.46
C1' DCZ F . -0.60 17.78 0.24
C2' DCZ F . -1.38 19.09 0.29
C3' DCZ F . -0.33 20.08 0.76
C4' DCZ F . 0.72 19.27 1.53
O4' DCZ F . 0.47 17.90 1.18
O3' DCZ F . 0.31 20.57 -0.41
C5' DCZ F . 0.70 19.47 3.03
O5' DCZ F . -0.56 19.15 3.65
#